data_7U8Y
#
_entry.id   7U8Y
#
_cell.length_a   127.555
_cell.length_b   127.555
_cell.length_c   80.010
_cell.angle_alpha   90.00
_cell.angle_beta   90.00
_cell.angle_gamma   120.00
#
_symmetry.space_group_name_H-M   'H 3'
#
loop_
_entity.id
_entity.type
_entity.pdbx_description
1 polymer 'Three-prime repair exonuclease 1'
2 non-polymer 'ALIZARIN RED'
3 non-polymer 'MANGANESE (II) ION'
4 water water
#
_entity_poly.entity_id   1
_entity_poly.type   'polypeptide(L)'
_entity_poly.pdbx_seq_one_letter_code
;LPHGHMQTLIFLDLEATGLPSSRPEVTELCLLAVHRRALENTSISQGHPPPVPRPPRVVDKLSLCIAPGKACSPGASEIT
GLSKAELEVQGRQRFDDNLAILLRAFLQRQPQPCCLVAHNGDRYDFPLLQTELARLSTPSPLDGTFCVDSIAALKALEQA
SSPSGNGSRKSYSLGSIYTRLYWQAPTDSHTAEGDVLTLLSICQWKPQALLQWVDEHARPFSTVKPMYG
;
_entity_poly.pdbx_strand_id   A,B
#
# COMPACT_ATOMS: atom_id res chain seq x y z
N LEU A 1 16.49 -21.78 18.02
CA LEU A 1 15.39 -20.99 17.39
C LEU A 1 14.04 -21.71 17.52
N PRO A 2 13.03 -21.08 18.15
CA PRO A 2 11.79 -21.78 18.50
C PRO A 2 10.99 -22.23 17.26
N HIS A 3 10.98 -21.42 16.21
CA HIS A 3 10.19 -21.69 15.02
C HIS A 3 10.98 -21.44 13.76
N GLY A 4 12.29 -21.71 13.82
CA GLY A 4 13.18 -21.46 12.69
C GLY A 4 13.29 -19.99 12.29
N HIS A 5 13.96 -19.75 11.16
CA HIS A 5 14.21 -18.42 10.62
C HIS A 5 12.95 -17.86 9.96
N MET A 6 12.53 -16.66 10.38
CA MET A 6 11.42 -15.98 9.74
C MET A 6 11.86 -15.57 8.33
N GLN A 7 11.08 -15.99 7.31
CA GLN A 7 11.35 -15.63 5.91
C GLN A 7 10.78 -14.29 5.50
N THR A 8 9.69 -13.87 6.14
CA THR A 8 9.06 -12.60 5.91
C THR A 8 8.82 -11.87 7.24
N LEU A 9 9.17 -10.58 7.29
CA LEU A 9 8.71 -9.69 8.34
C LEU A 9 7.58 -8.83 7.75
N ILE A 10 6.45 -8.76 8.46
CA ILE A 10 5.34 -7.91 8.09
C ILE A 10 5.24 -6.83 9.15
N PHE A 11 5.70 -5.64 8.80
CA PHE A 11 5.54 -4.47 9.66
C PHE A 11 4.07 -4.05 9.62
N LEU A 12 3.48 -3.92 10.80
CA LEU A 12 2.06 -3.69 10.96
C LEU A 12 1.81 -2.48 11.84
N ASP A 13 0.82 -1.67 11.46
CA ASP A 13 0.26 -0.64 12.33
C ASP A 13 -1.25 -0.48 12.16
N LEU A 14 -1.91 -0.07 13.25
CA LEU A 14 -3.33 0.19 13.35
C LEU A 14 -3.60 1.61 13.84
N GLU A 15 -4.65 2.23 13.30
CA GLU A 15 -5.34 3.34 13.98
C GLU A 15 -6.68 2.82 14.45
N ALA A 16 -7.26 3.49 15.44
CA ALA A 16 -8.45 3.01 16.12
C ALA A 16 -9.24 4.13 16.75
N THR A 17 -10.38 3.77 17.34
CA THR A 17 -11.35 4.70 17.85
C THR A 17 -11.00 5.28 19.21
N GLY A 18 -10.11 4.59 19.94
CA GLY A 18 -9.74 5.04 21.27
C GLY A 18 -8.79 4.13 22.01
N LEU A 19 -8.68 4.38 23.30
CA LEU A 19 -7.85 3.62 24.22
C LEU A 19 -8.49 2.28 24.57
N PRO A 20 -7.70 1.26 25.02
CA PRO A 20 -8.22 -0.07 25.33
C PRO A 20 -9.48 -0.09 26.21
N SER A 21 -9.54 0.77 27.24
CA SER A 21 -10.68 0.82 28.13
C SER A 21 -12.00 1.15 27.40
N SER A 22 -11.89 1.79 26.23
CA SER A 22 -13.04 2.18 25.44
C SER A 22 -13.61 1.04 24.55
N ARG A 23 -12.98 -0.13 24.57
CA ARG A 23 -13.29 -1.30 23.70
C ARG A 23 -13.20 -0.80 22.27
N PRO A 24 -12.00 -0.37 21.83
CA PRO A 24 -11.85 0.33 20.57
C PRO A 24 -11.96 -0.58 19.34
N GLU A 25 -12.12 0.02 18.16
CA GLU A 25 -12.26 -0.67 16.91
C GLU A 25 -11.31 -0.02 15.94
N VAL A 26 -10.76 -0.84 15.03
CA VAL A 26 -9.76 -0.41 14.09
C VAL A 26 -10.38 0.51 13.03
N THR A 27 -9.71 1.62 12.74
CA THR A 27 -10.13 2.56 11.70
C THR A 27 -9.22 2.53 10.47
N GLU A 28 -7.99 2.02 10.65
CA GLU A 28 -6.97 1.95 9.61
C GLU A 28 -5.95 0.87 9.94
N LEU A 29 -5.53 0.14 8.91
CA LEU A 29 -4.59 -0.98 9.05
C LEU A 29 -3.59 -0.93 7.90
N CYS A 30 -2.30 -1.03 8.20
CA CYS A 30 -1.26 -1.14 7.19
C CYS A 30 -0.34 -2.36 7.46
N LEU A 31 -0.09 -3.13 6.39
CA LEU A 31 0.85 -4.23 6.43
C LEU A 31 1.90 -3.92 5.39
N LEU A 32 3.17 -4.04 5.78
CA LEU A 32 4.28 -3.96 4.84
C LEU A 32 5.16 -5.18 4.99
N ALA A 33 5.18 -6.01 3.93
CA ALA A 33 5.86 -7.29 3.94
C ALA A 33 7.20 -7.20 3.20
N VAL A 34 8.24 -7.66 3.89
CA VAL A 34 9.62 -7.56 3.48
C VAL A 34 10.21 -8.93 3.69
N HIS A 35 10.90 -9.44 2.67
CA HIS A 35 11.64 -10.67 2.79
C HIS A 35 12.88 -10.40 3.67
N ARG A 36 13.29 -11.40 4.44
CA ARG A 36 14.45 -11.29 5.37
C ARG A 36 15.68 -10.85 4.57
N ARG A 37 15.82 -11.32 3.32
CA ARG A 37 16.93 -10.94 2.43
C ARG A 37 16.92 -9.43 2.19
N ALA A 38 15.73 -8.85 1.95
CA ALA A 38 15.63 -7.40 1.72
C ALA A 38 16.15 -6.63 2.93
N LEU A 39 15.93 -7.16 4.12
CA LEU A 39 16.32 -6.51 5.35
C LEU A 39 17.83 -6.61 5.56
N GLU A 40 18.39 -7.81 5.39
CA GLU A 40 19.83 -7.99 5.56
C GLU A 40 20.66 -7.27 4.48
N ASN A 41 20.02 -6.94 3.36
CA ASN A 41 20.65 -6.21 2.25
C ASN A 41 20.74 -4.68 2.41
N THR A 42 20.07 -4.11 3.42
CA THR A 42 20.17 -2.67 3.66
C THR A 42 21.59 -2.45 4.21
N SER A 43 22.33 -1.50 3.62
CA SER A 43 23.74 -1.27 3.93
C SER A 43 23.87 -0.77 5.37
N ILE A 44 24.97 -1.15 6.03
CA ILE A 44 25.17 -0.86 7.46
C ILE A 44 25.12 0.66 7.71
N SER A 45 24.53 1.05 8.84
CA SER A 45 24.42 2.46 9.24
C SER A 45 25.78 3.00 9.72
N GLN A 46 26.38 3.89 8.91
CA GLN A 46 27.57 4.67 9.29
C GLN A 46 27.23 6.15 9.38
N GLY A 47 27.98 6.87 10.22
CA GLY A 47 27.74 8.27 10.51
C GLY A 47 27.00 8.41 11.81
N HIS A 48 27.02 9.62 12.38
CA HIS A 48 26.32 9.94 13.62
C HIS A 48 25.71 11.34 13.52
N PRO A 49 24.42 11.48 13.11
CA PRO A 49 23.53 10.33 12.87
C PRO A 49 23.70 9.69 11.50
N PRO A 50 23.35 8.39 11.32
CA PRO A 50 23.28 7.79 10.00
C PRO A 50 22.10 8.36 9.20
N PRO A 51 22.15 8.37 7.85
CA PRO A 51 20.97 8.71 7.06
C PRO A 51 19.84 7.71 7.34
N VAL A 52 18.60 8.20 7.32
CA VAL A 52 17.41 7.35 7.35
C VAL A 52 17.60 6.34 6.21
N PRO A 53 17.61 5.01 6.47
CA PRO A 53 17.84 4.03 5.40
C PRO A 53 16.80 4.13 4.28
N ARG A 54 17.20 3.72 3.08
CA ARG A 54 16.31 3.51 1.91
C ARG A 54 15.41 2.32 2.20
N PRO A 55 14.09 2.42 1.99
CA PRO A 55 13.23 1.23 2.04
C PRO A 55 13.70 0.22 1.00
N PRO A 56 13.57 -1.10 1.24
CA PRO A 56 13.96 -2.09 0.23
C PRO A 56 13.12 -1.88 -1.03
N ARG A 57 13.67 -2.17 -2.20
CA ARG A 57 12.96 -2.05 -3.50
C ARG A 57 11.74 -2.99 -3.50
N VAL A 58 11.93 -4.24 -3.07
CA VAL A 58 10.92 -5.25 -3.21
C VAL A 58 10.14 -5.25 -1.91
N VAL A 59 8.96 -4.64 -1.94
CA VAL A 59 8.03 -4.73 -0.84
C VAL A 59 6.63 -4.95 -1.36
N ASP A 60 5.83 -5.61 -0.53
CA ASP A 60 4.39 -5.65 -0.70
C ASP A 60 3.76 -4.80 0.40
N LYS A 61 2.77 -4.01 0.01
CA LYS A 61 2.12 -3.09 0.92
C LYS A 61 0.60 -3.14 0.77
N LEU A 62 -0.08 -3.03 1.90
CA LEU A 62 -1.51 -2.96 1.96
C LEU A 62 -1.85 -1.94 3.06
N SER A 63 -2.69 -0.96 2.71
CA SER A 63 -3.19 0.01 3.65
C SER A 63 -4.67 0.23 3.41
N LEU A 64 -5.48 0.04 4.46
CA LEU A 64 -6.93 0.10 4.36
C LEU A 64 -7.55 0.98 5.46
N CYS A 65 -8.50 1.82 5.05
CA CYS A 65 -9.37 2.52 5.94
C CYS A 65 -10.62 1.68 6.17
N ILE A 66 -11.08 1.71 7.43
CA ILE A 66 -12.12 0.80 7.92
C ILE A 66 -13.11 1.58 8.76
N ALA A 67 -14.39 1.51 8.40
CA ALA A 67 -15.46 2.17 9.13
C ALA A 67 -15.66 1.41 10.43
N PRO A 68 -15.52 2.07 11.60
CA PRO A 68 -15.83 1.43 12.87
C PRO A 68 -17.34 1.38 13.10
N GLY A 69 -17.80 0.47 13.98
CA GLY A 69 -19.17 0.43 14.46
C GLY A 69 -19.50 1.53 15.47
N LYS A 70 -18.47 2.08 16.12
CA LYS A 70 -18.65 3.17 17.09
C LYS A 70 -17.82 4.38 16.68
N ALA A 71 -18.19 5.54 17.24
CA ALA A 71 -17.50 6.81 16.98
C ALA A 71 -16.09 6.77 17.49
N CYS A 72 -15.20 7.46 16.78
CA CYS A 72 -13.88 7.78 17.32
C CYS A 72 -14.06 8.77 18.46
N SER A 73 -13.27 8.63 19.52
CA SER A 73 -13.16 9.63 20.56
C SER A 73 -12.60 10.90 19.93
N PRO A 74 -12.77 12.10 20.56
CA PRO A 74 -12.16 13.33 20.06
C PRO A 74 -10.64 13.25 19.88
N GLY A 75 -9.93 12.65 20.83
CA GLY A 75 -8.49 12.44 20.70
C GLY A 75 -8.10 11.66 19.45
N ALA A 76 -8.74 10.52 19.22
CA ALA A 76 -8.50 9.70 18.03
C ALA A 76 -8.63 10.50 16.75
N SER A 77 -9.77 11.16 16.58
CA SER A 77 -10.08 11.89 15.35
C SER A 77 -9.08 12.97 15.07
N GLU A 78 -8.72 13.74 16.11
CA GLU A 78 -7.80 14.87 15.96
C GLU A 78 -6.42 14.40 15.51
N ILE A 79 -5.87 13.39 16.18
CA ILE A 79 -4.51 12.96 15.89
C ILE A 79 -4.40 11.99 14.68
N THR A 80 -5.41 11.13 14.47
CA THR A 80 -5.41 10.22 13.31
C THR A 80 -5.94 10.85 12.01
N GLY A 81 -6.72 11.92 12.13
CA GLY A 81 -7.41 12.54 11.02
C GLY A 81 -8.58 11.72 10.47
N LEU A 82 -8.98 10.65 11.18
CA LEU A 82 -10.10 9.81 10.76
C LEU A 82 -11.28 9.98 11.70
N SER A 83 -12.49 9.91 11.15
CA SER A 83 -13.72 9.80 11.94
C SER A 83 -14.69 8.84 11.29
N LYS A 84 -15.65 8.37 12.11
CA LYS A 84 -16.71 7.46 11.70
C LYS A 84 -17.51 8.10 10.59
N ALA A 85 -17.96 9.34 10.81
CA ALA A 85 -18.79 10.04 9.85
C ALA A 85 -18.11 10.11 8.48
N GLU A 86 -16.86 10.59 8.46
CA GLU A 86 -16.10 10.76 7.23
C GLU A 86 -15.78 9.43 6.51
N LEU A 87 -15.39 8.42 7.30
CA LEU A 87 -15.18 7.09 6.77
C LEU A 87 -16.44 6.57 6.09
N GLU A 88 -17.61 6.78 6.71
CA GLU A 88 -18.87 6.28 6.18
C GLU A 88 -19.32 7.00 4.93
N VAL A 89 -19.18 8.34 4.92
CA VAL A 89 -19.56 9.09 3.73
C VAL A 89 -18.63 8.78 2.53
N GLN A 90 -17.40 8.32 2.81
CA GLN A 90 -16.50 7.79 1.79
C GLN A 90 -16.63 6.28 1.59
N GLY A 91 -17.77 5.72 2.01
CA GLY A 91 -18.15 4.36 1.75
C GLY A 91 -17.25 3.26 2.28
N ARG A 92 -16.49 3.53 3.35
CA ARG A 92 -15.61 2.49 3.93
C ARG A 92 -16.49 1.40 4.57
N GLN A 93 -16.13 0.14 4.37
CA GLN A 93 -16.82 -0.97 4.98
C GLN A 93 -16.27 -1.26 6.37
N ARG A 94 -17.01 -2.07 7.12
CA ARG A 94 -16.66 -2.56 8.48
C ARG A 94 -15.51 -3.55 8.36
N PHE A 95 -14.92 -3.91 9.50
CA PHE A 95 -13.95 -5.00 9.58
C PHE A 95 -14.78 -6.26 9.41
N ASP A 96 -14.73 -6.87 8.23
CA ASP A 96 -15.68 -7.95 7.92
C ASP A 96 -14.99 -9.19 7.30
N ASP A 97 -15.81 -10.14 6.85
CA ASP A 97 -15.33 -11.41 6.33
C ASP A 97 -14.48 -11.19 5.09
N ASN A 98 -14.92 -10.31 4.20
CA ASN A 98 -14.16 -9.98 3.00
C ASN A 98 -12.76 -9.41 3.31
N LEU A 99 -12.66 -8.61 4.36
CA LEU A 99 -11.38 -8.11 4.82
C LEU A 99 -10.45 -9.26 5.24
N ALA A 100 -10.99 -10.29 5.90
CA ALA A 100 -10.17 -11.42 6.31
C ALA A 100 -9.69 -12.21 5.09
N ILE A 101 -10.55 -12.34 4.07
CA ILE A 101 -10.20 -13.01 2.83
C ILE A 101 -9.06 -12.22 2.15
N LEU A 102 -9.19 -10.89 2.13
CA LEU A 102 -8.14 -10.00 1.59
C LEU A 102 -6.83 -10.22 2.35
N LEU A 103 -6.88 -10.26 3.69
CA LEU A 103 -5.67 -10.45 4.50
C LEU A 103 -5.02 -11.81 4.21
N ARG A 104 -5.86 -12.84 4.15
CA ARG A 104 -5.42 -14.22 3.82
C ARG A 104 -4.70 -14.25 2.45
N ALA A 105 -5.30 -13.68 1.41
CA ALA A 105 -4.68 -13.72 0.10
C ALA A 105 -3.36 -12.93 0.07
N PHE A 106 -3.31 -11.83 0.83
CA PHE A 106 -2.08 -11.04 0.97
C PHE A 106 -0.97 -11.85 1.64
N LEU A 107 -1.31 -12.51 2.77
CA LEU A 107 -0.35 -13.33 3.51
C LEU A 107 0.16 -14.51 2.69
N GLN A 108 -0.75 -15.13 1.91
CA GLN A 108 -0.38 -16.25 1.04
C GLN A 108 0.72 -15.93 0.01
N ARG A 109 0.88 -14.65 -0.33
CA ARG A 109 1.92 -14.21 -1.30
C ARG A 109 3.29 -14.12 -0.61
N GLN A 110 3.36 -14.30 0.72
CA GLN A 110 4.62 -14.15 1.44
C GLN A 110 5.20 -15.51 1.85
N PRO A 111 6.51 -15.75 1.64
CA PRO A 111 7.11 -17.00 2.10
C PRO A 111 6.98 -17.16 3.63
N GLN A 112 6.78 -18.40 4.07
CA GLN A 112 6.64 -18.73 5.47
C GLN A 112 7.97 -19.28 5.99
N PRO A 113 8.23 -19.27 7.32
CA PRO A 113 7.36 -18.62 8.29
C PRO A 113 7.38 -17.09 8.17
N CYS A 114 6.28 -16.47 8.62
CA CYS A 114 6.09 -15.07 8.58
C CYS A 114 5.85 -14.52 10.00
N CYS A 115 6.44 -13.36 10.29
CA CYS A 115 6.32 -12.71 11.60
C CYS A 115 5.82 -11.27 11.51
N LEU A 116 4.68 -11.00 12.16
CA LEU A 116 4.20 -9.65 12.35
C LEU A 116 5.12 -8.90 13.30
N VAL A 117 5.47 -7.66 12.93
CA VAL A 117 6.27 -6.77 13.78
C VAL A 117 5.47 -5.50 13.97
N ALA A 118 5.06 -5.23 15.21
CA ALA A 118 4.35 -4.01 15.58
C ALA A 118 4.87 -3.34 16.87
N HIS A 119 4.95 -2.01 16.83
CA HIS A 119 5.43 -1.24 17.96
C HIS A 119 4.34 -1.17 19.03
N ASN A 120 4.67 -1.64 20.23
CA ASN A 120 3.71 -1.88 21.31
C ASN A 120 2.59 -2.87 20.91
N GLY A 121 2.87 -3.71 19.93
CA GLY A 121 1.95 -4.75 19.49
C GLY A 121 1.43 -5.68 20.57
N ASP A 122 2.23 -5.94 21.60
CA ASP A 122 1.86 -6.91 22.62
C ASP A 122 0.76 -6.39 23.51
N ARG A 123 0.66 -5.06 23.63
CA ARG A 123 -0.31 -4.38 24.53
C ARG A 123 -1.48 -3.79 23.74
N TYR A 124 -1.33 -3.45 22.46
CA TYR A 124 -2.42 -2.78 21.70
C TYR A 124 -2.72 -3.52 20.40
N ASP A 125 -1.85 -3.41 19.39
CA ASP A 125 -2.15 -3.90 18.07
C ASP A 125 -2.53 -5.38 18.02
N PHE A 126 -1.72 -6.25 18.66
CA PHE A 126 -2.01 -7.69 18.57
C PHE A 126 -3.30 -8.08 19.28
N PRO A 127 -3.54 -7.71 20.57
CA PRO A 127 -4.83 -8.02 21.19
C PRO A 127 -6.05 -7.43 20.45
N LEU A 128 -5.92 -6.22 19.92
CA LEU A 128 -7.05 -5.58 19.22
C LEU A 128 -7.38 -6.33 17.92
N LEU A 129 -6.34 -6.62 17.13
CA LEU A 129 -6.51 -7.40 15.91
C LEU A 129 -7.16 -8.77 16.15
N GLN A 130 -6.72 -9.45 17.22
CA GLN A 130 -7.31 -10.72 17.65
C GLN A 130 -8.80 -10.56 17.94
N THR A 131 -9.16 -9.51 18.70
CA THR A 131 -10.55 -9.19 18.99
C THR A 131 -11.36 -8.94 17.71
N GLU A 132 -10.83 -8.16 16.79
CA GLU A 132 -11.53 -7.87 15.55
C GLU A 132 -11.79 -9.16 14.75
N LEU A 133 -10.76 -10.01 14.66
CA LEU A 133 -10.86 -11.27 13.90
C LEU A 133 -11.79 -12.30 14.54
N ALA A 134 -11.83 -12.34 15.87
CA ALA A 134 -12.62 -13.33 16.60
C ALA A 134 -14.11 -13.13 16.37
N ARG A 135 -14.50 -11.91 15.99
CA ARG A 135 -15.93 -11.55 15.81
C ARG A 135 -16.40 -12.00 14.40
N LEU A 136 -15.49 -12.43 13.51
CA LEU A 136 -15.86 -12.85 12.16
C LEU A 136 -16.30 -14.31 12.10
N SER A 137 -17.02 -14.67 11.03
CA SER A 137 -17.37 -16.07 10.74
C SER A 137 -16.27 -16.81 9.96
N THR A 138 -15.30 -16.07 9.44
CA THR A 138 -14.16 -16.59 8.69
C THR A 138 -13.10 -16.97 9.72
N PRO A 139 -12.41 -18.13 9.60
CA PRO A 139 -11.31 -18.45 10.50
C PRO A 139 -10.19 -17.40 10.40
N SER A 140 -9.44 -17.21 11.48
CA SER A 140 -8.38 -16.22 11.50
C SER A 140 -7.34 -16.49 10.41
N PRO A 141 -7.06 -15.50 9.55
CA PRO A 141 -5.97 -15.62 8.59
C PRO A 141 -4.58 -15.62 9.25
N LEU A 142 -4.50 -15.27 10.54
CA LEU A 142 -3.22 -15.12 11.24
C LEU A 142 -2.83 -16.33 12.09
N ASP A 143 -3.56 -17.43 11.91
CA ASP A 143 -3.41 -18.58 12.81
C ASP A 143 -2.05 -19.28 12.75
N GLY A 144 -1.43 -19.31 11.58
CA GLY A 144 -0.08 -19.85 11.41
C GLY A 144 1.01 -18.79 11.34
N THR A 145 0.68 -17.57 11.76
CA THR A 145 1.58 -16.45 11.66
C THR A 145 2.20 -16.19 13.02
N PHE A 146 3.45 -15.71 13.03
CA PHE A 146 4.17 -15.37 14.25
C PHE A 146 4.14 -13.87 14.48
N CYS A 147 4.53 -13.43 15.68
CA CYS A 147 4.48 -12.01 16.02
C CYS A 147 5.48 -11.62 17.09
N VAL A 148 5.86 -10.33 17.06
CA VAL A 148 6.86 -9.75 17.96
C VAL A 148 6.57 -8.26 18.13
N ASP A 149 6.91 -7.73 19.31
CA ASP A 149 6.81 -6.32 19.63
C ASP A 149 8.16 -5.67 19.43
N SER A 150 8.21 -4.59 18.65
CA SER A 150 9.47 -3.91 18.36
C SER A 150 10.01 -3.03 19.49
N ILE A 151 9.19 -2.78 20.53
CA ILE A 151 9.66 -2.05 21.70
C ILE A 151 10.80 -2.87 22.35
N ALA A 152 10.52 -4.14 22.65
CA ALA A 152 11.50 -5.02 23.29
C ALA A 152 12.76 -5.20 22.42
N ALA A 153 12.54 -5.38 21.12
CA ALA A 153 13.64 -5.49 20.14
C ALA A 153 14.59 -4.31 20.20
N LEU A 154 14.05 -3.10 20.12
CA LEU A 154 14.87 -1.88 20.15
C LEU A 154 15.52 -1.62 21.51
N LYS A 155 14.85 -2.05 22.59
CA LYS A 155 15.45 -2.02 23.94
C LYS A 155 16.72 -2.86 23.95
N ALA A 156 16.61 -4.10 23.45
CA ALA A 156 17.77 -5.00 23.34
C ALA A 156 18.85 -4.41 22.45
N LEU A 157 18.48 -4.00 21.23
CA LEU A 157 19.46 -3.48 20.27
C LEU A 157 20.24 -2.27 20.80
N GLU A 158 19.52 -1.33 21.43
CA GLU A 158 20.11 -0.08 21.93
C GLU A 158 20.95 -0.31 23.18
N GLN A 159 20.48 -1.23 24.03
CA GLN A 159 21.21 -1.70 25.19
C GLN A 159 22.61 -2.13 24.78
N ALA A 160 22.69 -2.94 23.72
CA ALA A 160 23.94 -3.56 23.26
C ALA A 160 24.95 -2.61 22.59
N SER A 161 24.46 -1.69 21.74
CA SER A 161 25.32 -0.70 21.08
C SER A 161 25.96 0.23 22.10
N SER A 162 25.18 0.63 23.12
CA SER A 162 25.67 1.40 24.26
C SER A 162 26.82 0.64 24.97
N ARG A 169 16.26 7.77 31.90
CA ARG A 169 16.22 6.57 31.02
C ARG A 169 15.29 6.86 29.84
N LYS A 170 15.53 6.20 28.70
CA LYS A 170 14.99 6.61 27.41
C LYS A 170 13.50 6.30 27.19
N SER A 171 12.82 7.21 26.47
CA SER A 171 11.51 6.94 25.90
C SER A 171 11.60 5.93 24.76
N TYR A 172 10.69 4.95 24.72
CA TYR A 172 10.59 3.95 23.63
C TYR A 172 9.31 4.16 22.83
N SER A 173 8.81 5.40 22.81
CA SER A 173 7.75 5.76 21.87
C SER A 173 8.38 5.65 20.47
N LEU A 174 7.55 5.34 19.47
CA LEU A 174 7.99 5.18 18.10
C LEU A 174 8.81 6.39 17.61
N GLY A 175 8.30 7.59 17.86
CA GLY A 175 8.91 8.83 17.45
C GLY A 175 10.23 9.17 18.12
N SER A 176 10.31 8.86 19.42
CA SER A 176 11.50 9.10 20.21
C SER A 176 12.66 8.22 19.74
N ILE A 177 12.36 6.95 19.45
CA ILE A 177 13.36 6.03 18.96
C ILE A 177 13.92 6.55 17.63
N TYR A 178 12.99 6.81 16.69
CA TYR A 178 13.31 7.27 15.31
C TYR A 178 14.21 8.50 15.38
N THR A 179 13.81 9.49 16.18
CA THR A 179 14.55 10.76 16.30
C THR A 179 15.92 10.60 16.91
N ARG A 180 16.02 9.74 17.93
CA ARG A 180 17.31 9.38 18.59
C ARG A 180 18.25 8.77 17.55
N LEU A 181 17.77 7.79 16.77
CA LEU A 181 18.59 7.12 15.77
C LEU A 181 18.98 8.05 14.62
N TYR A 182 18.05 8.86 14.10
CA TYR A 182 18.22 9.55 12.79
C TYR A 182 18.18 11.08 12.90
N TRP A 183 17.94 11.65 14.10
CA TRP A 183 17.87 13.10 14.28
C TRP A 183 16.95 13.73 13.22
N GLN A 184 15.77 13.15 13.10
CA GLN A 184 14.80 13.58 12.12
C GLN A 184 13.46 13.31 12.76
N ALA A 185 12.48 14.18 12.52
CA ALA A 185 11.09 13.92 12.94
C ALA A 185 10.48 12.85 12.03
N PRO A 186 9.63 11.94 12.56
CA PRO A 186 8.92 10.99 11.73
C PRO A 186 7.98 11.72 10.75
N THR A 187 7.75 11.11 9.58
CA THR A 187 6.80 11.61 8.60
C THR A 187 5.43 10.96 8.87
N ASP A 188 4.36 11.74 8.75
CA ASP A 188 2.96 11.27 8.78
C ASP A 188 2.65 10.37 9.98
N SER A 189 3.04 10.84 11.18
CA SER A 189 2.77 10.06 12.38
C SER A 189 1.27 9.98 12.64
N HIS A 190 0.88 8.88 13.30
CA HIS A 190 -0.50 8.54 13.54
C HIS A 190 -1.35 8.36 12.27
N THR A 191 -0.70 7.93 11.18
CA THR A 191 -1.36 7.25 10.07
C THR A 191 -0.81 5.83 10.08
N ALA A 192 -1.63 4.86 9.68
CA ALA A 192 -1.18 3.47 9.73
C ALA A 192 0.07 3.28 8.87
N GLU A 193 0.01 3.78 7.63
CA GLU A 193 1.11 3.67 6.71
C GLU A 193 2.34 4.45 7.16
N GLY A 194 2.14 5.68 7.64
CA GLY A 194 3.22 6.53 8.12
C GLY A 194 3.99 5.86 9.26
N ASP A 195 3.24 5.26 10.20
CA ASP A 195 3.84 4.63 11.36
C ASP A 195 4.56 3.35 10.98
N VAL A 196 4.00 2.60 10.03
CA VAL A 196 4.68 1.42 9.47
C VAL A 196 6.03 1.79 8.85
N LEU A 197 6.06 2.90 8.12
CA LEU A 197 7.29 3.30 7.43
C LEU A 197 8.36 3.76 8.43
N THR A 198 7.92 4.44 9.48
CA THR A 198 8.82 4.84 10.55
C THR A 198 9.41 3.58 11.21
N LEU A 199 8.55 2.61 11.51
CA LEU A 199 8.96 1.35 12.11
C LEU A 199 9.96 0.58 11.23
N LEU A 200 9.68 0.52 9.92
CA LEU A 200 10.62 -0.07 9.00
C LEU A 200 12.00 0.58 9.14
N SER A 201 12.02 1.92 9.14
CA SER A 201 13.28 2.66 9.25
C SER A 201 14.08 2.34 10.51
N ILE A 202 13.39 2.20 11.65
CA ILE A 202 14.09 1.90 12.89
C ILE A 202 14.56 0.44 12.91
N CYS A 203 13.81 -0.46 12.26
CA CYS A 203 14.19 -1.87 12.16
C CYS A 203 15.35 -2.10 11.20
N GLN A 204 15.56 -1.15 10.27
CA GLN A 204 16.68 -1.17 9.35
C GLN A 204 17.98 -0.62 9.94
N TRP A 205 17.90 -0.10 11.17
CA TRP A 205 19.05 0.47 11.85
C TRP A 205 20.20 -0.56 11.97
N LYS A 206 19.89 -1.72 12.54
CA LYS A 206 20.81 -2.85 12.72
C LYS A 206 20.11 -4.11 12.21
N PRO A 207 20.06 -4.32 10.87
CA PRO A 207 19.14 -5.28 10.28
C PRO A 207 19.40 -6.72 10.74
N GLN A 208 20.66 -7.13 10.76
CA GLN A 208 21.05 -8.49 11.15
C GLN A 208 20.67 -8.76 12.60
N ALA A 209 21.02 -7.83 13.51
CA ALA A 209 20.69 -7.97 14.93
C ALA A 209 19.18 -7.98 15.15
N LEU A 210 18.46 -7.17 14.37
CA LEU A 210 17.00 -7.10 14.47
C LEU A 210 16.41 -8.46 14.08
N LEU A 211 16.88 -9.02 12.95
CA LEU A 211 16.43 -10.33 12.46
C LEU A 211 16.67 -11.44 13.46
N GLN A 212 17.86 -11.45 14.06
CA GLN A 212 18.23 -12.45 15.04
C GLN A 212 17.30 -12.36 16.26
N TRP A 213 17.11 -11.15 16.78
CA TRP A 213 16.17 -10.94 17.87
C TRP A 213 14.76 -11.48 17.51
N VAL A 214 14.28 -11.12 16.32
CA VAL A 214 12.98 -11.59 15.83
C VAL A 214 12.89 -13.11 15.77
N ASP A 215 13.92 -13.76 15.23
CA ASP A 215 14.01 -15.21 15.17
C ASP A 215 13.94 -15.86 16.55
N GLU A 216 14.55 -15.21 17.55
CA GLU A 216 14.61 -15.72 18.92
C GLU A 216 13.30 -15.55 19.69
N HIS A 217 12.54 -14.49 19.38
CA HIS A 217 11.39 -14.08 20.20
C HIS A 217 10.02 -14.25 19.52
N ALA A 218 10.02 -14.58 18.24
CA ALA A 218 8.79 -14.82 17.49
C ALA A 218 7.94 -15.85 18.24
N ARG A 219 6.68 -15.48 18.49
CA ARG A 219 5.68 -16.36 19.15
C ARG A 219 4.43 -16.44 18.28
N PRO A 220 3.63 -17.53 18.40
CA PRO A 220 2.46 -17.71 17.56
C PRO A 220 1.44 -16.60 17.85
N PHE A 221 0.86 -16.01 16.81
CA PHE A 221 -0.18 -15.01 16.96
C PHE A 221 -1.42 -15.62 17.61
N SER A 222 -1.61 -16.93 17.41
CA SER A 222 -2.73 -17.68 17.97
C SER A 222 -2.77 -17.68 19.50
N THR A 223 -1.66 -17.34 20.14
CA THR A 223 -1.55 -17.26 21.60
C THR A 223 -1.81 -15.86 22.16
N VAL A 224 -2.00 -14.88 21.27
CA VAL A 224 -2.31 -13.52 21.70
C VAL A 224 -3.73 -13.49 22.20
N LYS A 225 -3.93 -13.00 23.43
CA LYS A 225 -5.25 -12.89 24.04
C LYS A 225 -5.98 -11.67 23.48
N PRO A 226 -7.30 -11.79 23.18
CA PRO A 226 -8.07 -10.64 22.68
C PRO A 226 -8.07 -9.47 23.67
N MET A 227 -8.05 -8.23 23.16
CA MET A 227 -8.15 -7.03 24.01
C MET A 227 -9.39 -7.13 24.89
N TYR A 228 -10.52 -7.46 24.27
CA TYR A 228 -11.86 -7.60 24.92
C TYR A 228 -12.67 -8.66 24.16
N GLY A 229 -13.77 -9.14 24.74
CA GLY A 229 -14.55 -10.24 24.20
C GLY A 229 -15.99 -9.88 23.95
N LEU B 1 -22.38 10.35 -17.16
CA LEU B 1 -23.60 10.04 -17.97
C LEU B 1 -23.73 8.59 -18.40
N PRO B 2 -22.75 7.99 -19.11
CA PRO B 2 -22.91 6.66 -19.70
C PRO B 2 -23.12 5.54 -18.67
N HIS B 3 -22.42 5.62 -17.53
CA HIS B 3 -22.56 4.63 -16.47
C HIS B 3 -22.68 5.28 -15.11
N GLY B 4 -23.39 6.42 -15.05
CA GLY B 4 -23.51 7.23 -13.86
C GLY B 4 -22.17 7.77 -13.32
N HIS B 5 -22.22 8.35 -12.12
CA HIS B 5 -21.07 8.96 -11.47
C HIS B 5 -20.19 7.87 -10.84
N MET B 6 -18.90 7.89 -11.17
CA MET B 6 -17.94 6.95 -10.53
C MET B 6 -17.81 7.34 -9.06
N GLN B 7 -18.07 6.38 -8.16
CA GLN B 7 -17.98 6.59 -6.71
C GLN B 7 -16.55 6.43 -6.19
N THR B 8 -15.77 5.56 -6.84
CA THR B 8 -14.36 5.36 -6.50
C THR B 8 -13.49 5.48 -7.74
N LEU B 9 -12.40 6.24 -7.63
CA LEU B 9 -11.31 6.21 -8.60
C LEU B 9 -10.19 5.35 -8.04
N ILE B 10 -9.68 4.42 -8.86
CA ILE B 10 -8.57 3.56 -8.49
C ILE B 10 -7.43 3.92 -9.43
N PHE B 11 -6.46 4.67 -8.91
CA PHE B 11 -5.28 5.02 -9.68
C PHE B 11 -4.38 3.77 -9.70
N LEU B 12 -3.96 3.42 -10.91
CA LEU B 12 -3.26 2.18 -11.18
C LEU B 12 -1.97 2.46 -11.93
N ASP B 13 -0.90 1.75 -11.54
CA ASP B 13 0.30 1.63 -12.34
C ASP B 13 0.91 0.23 -12.27
N LEU B 14 1.60 -0.15 -13.35
CA LEU B 14 2.27 -1.43 -13.54
C LEU B 14 3.73 -1.21 -13.90
N GLU B 15 4.61 -2.08 -13.40
CA GLU B 15 5.91 -2.29 -14.04
C GLU B 15 5.90 -3.65 -14.72
N ALA B 16 6.80 -3.85 -15.67
CA ALA B 16 6.80 -5.04 -16.51
C ALA B 16 8.16 -5.37 -17.08
N THR B 17 8.21 -6.50 -17.80
CA THR B 17 9.45 -7.06 -18.28
C THR B 17 9.98 -6.38 -19.54
N GLY B 18 9.13 -5.64 -20.25
CA GLY B 18 9.50 -5.00 -21.50
C GLY B 18 8.39 -4.29 -22.26
N LEU B 19 8.70 -3.94 -23.52
CA LEU B 19 7.79 -3.27 -24.46
C LEU B 19 6.69 -4.22 -24.96
N PRO B 20 5.55 -3.68 -25.46
CA PRO B 20 4.45 -4.52 -25.94
C PRO B 20 4.85 -5.61 -26.92
N SER B 21 5.75 -5.31 -27.86
CA SER B 21 6.15 -6.29 -28.86
C SER B 21 6.87 -7.49 -28.23
N SER B 22 7.37 -7.34 -27.00
CA SER B 22 8.05 -8.42 -26.28
C SER B 22 7.10 -9.41 -25.57
N ARG B 23 5.79 -9.16 -25.63
CA ARG B 23 4.74 -9.95 -24.93
C ARG B 23 5.09 -9.89 -23.45
N PRO B 24 5.09 -8.69 -22.85
CA PRO B 24 5.63 -8.52 -21.50
C PRO B 24 4.72 -9.08 -20.40
N GLU B 25 5.28 -9.21 -19.20
CA GLU B 25 4.60 -9.71 -18.04
C GLU B 25 4.81 -8.69 -16.93
N VAL B 26 3.80 -8.56 -16.06
CA VAL B 26 3.80 -7.59 -14.98
C VAL B 26 4.78 -8.02 -13.88
N THR B 27 5.61 -7.08 -13.42
CA THR B 27 6.55 -7.29 -12.31
C THR B 27 6.14 -6.59 -11.02
N GLU B 28 5.27 -5.57 -11.15
CA GLU B 28 4.80 -4.78 -10.02
C GLU B 28 3.48 -4.14 -10.36
N LEU B 29 2.58 -4.07 -9.36
CA LEU B 29 1.25 -3.50 -9.54
C LEU B 29 0.90 -2.65 -8.30
N CYS B 30 0.42 -1.42 -8.52
CA CYS B 30 -0.10 -0.56 -7.44
C CYS B 30 -1.50 -0.08 -7.77
N LEU B 31 -2.41 -0.24 -6.82
CA LEU B 31 -3.74 0.31 -6.86
C LEU B 31 -3.87 1.29 -5.71
N LEU B 32 -4.41 2.48 -6.00
CA LEU B 32 -4.73 3.44 -4.95
C LEU B 32 -6.17 3.92 -5.13
N ALA B 33 -7.03 3.55 -4.18
CA ALA B 33 -8.47 3.78 -4.26
C ALA B 33 -8.88 4.97 -3.43
N VAL B 34 -9.61 5.87 -4.06
CA VAL B 34 -9.98 7.17 -3.51
C VAL B 34 -11.46 7.34 -3.81
N HIS B 35 -12.24 7.73 -2.81
CA HIS B 35 -13.63 8.05 -3.04
C HIS B 35 -13.69 9.40 -3.75
N ARG B 36 -14.69 9.57 -4.62
CA ARG B 36 -14.84 10.82 -5.43
C ARG B 36 -14.89 12.03 -4.48
N ARG B 37 -15.49 11.87 -3.29
CA ARG B 37 -15.55 12.94 -2.26
C ARG B 37 -14.12 13.34 -1.85
N ALA B 38 -13.23 12.37 -1.66
CA ALA B 38 -11.85 12.69 -1.27
C ALA B 38 -11.16 13.54 -2.33
N LEU B 39 -11.53 13.32 -3.59
CA LEU B 39 -10.94 14.08 -4.70
C LEU B 39 -11.49 15.49 -4.76
N GLU B 40 -12.82 15.64 -4.65
CA GLU B 40 -13.48 16.95 -4.64
C GLU B 40 -13.03 17.81 -3.45
N ASN B 41 -12.58 17.16 -2.36
CA ASN B 41 -12.14 17.82 -1.13
C ASN B 41 -10.72 18.38 -1.13
N THR B 42 -9.91 18.08 -2.16
CA THR B 42 -8.57 18.66 -2.26
C THR B 42 -8.80 20.14 -2.63
N SER B 43 -8.18 21.06 -1.88
CA SER B 43 -8.42 22.49 -2.03
C SER B 43 -7.87 22.98 -3.38
N ILE B 44 -8.54 23.98 -3.95
CA ILE B 44 -8.25 24.49 -5.29
C ILE B 44 -6.77 24.91 -5.42
N SER B 45 -6.17 24.62 -6.59
CA SER B 45 -4.78 24.97 -6.88
C SER B 45 -4.65 26.48 -7.14
N GLN B 46 -4.00 27.19 -6.21
CA GLN B 46 -3.71 28.63 -6.34
C GLN B 46 -2.19 28.83 -6.42
N GLY B 47 -1.78 29.87 -7.15
CA GLY B 47 -0.38 30.19 -7.38
C GLY B 47 0.13 29.60 -8.68
N HIS B 48 1.30 30.06 -9.11
CA HIS B 48 1.92 29.64 -10.35
C HIS B 48 3.44 29.50 -10.15
N PRO B 49 3.95 28.29 -9.86
CA PRO B 49 3.16 27.06 -9.82
C PRO B 49 2.40 26.85 -8.51
N PRO B 50 1.30 26.07 -8.50
CA PRO B 50 0.66 25.68 -7.24
C PRO B 50 1.52 24.67 -6.48
N PRO B 51 1.38 24.56 -5.14
CA PRO B 51 2.00 23.46 -4.41
C PRO B 51 1.46 22.12 -4.92
N VAL B 52 2.30 21.09 -4.90
CA VAL B 52 1.86 19.73 -5.13
C VAL B 52 0.74 19.47 -4.11
N PRO B 53 -0.49 19.11 -4.54
CA PRO B 53 -1.58 18.88 -3.59
C PRO B 53 -1.24 17.78 -2.56
N ARG B 54 -1.87 17.89 -1.39
CA ARG B 54 -1.82 16.88 -0.29
C ARG B 54 -2.63 15.68 -0.75
N PRO B 55 -2.11 14.44 -0.64
CA PRO B 55 -2.93 13.25 -0.89
C PRO B 55 -4.11 13.24 0.07
N PRO B 56 -5.30 12.72 -0.31
CA PRO B 56 -6.42 12.67 0.63
C PRO B 56 -6.03 11.80 1.83
N ARG B 57 -6.59 12.06 3.00
CA ARG B 57 -6.36 11.27 4.23
C ARG B 57 -6.84 9.84 3.98
N VAL B 58 -8.05 9.69 3.43
CA VAL B 58 -8.72 8.42 3.40
C VAL B 58 -8.39 7.81 2.06
N VAL B 59 -7.47 6.83 2.07
CA VAL B 59 -7.16 6.06 0.89
C VAL B 59 -6.98 4.60 1.26
N ASP B 60 -7.25 3.75 0.28
CA ASP B 60 -6.83 2.36 0.32
C ASP B 60 -5.74 2.15 -0.72
N LYS B 61 -4.71 1.39 -0.34
CA LYS B 61 -3.54 1.18 -1.18
C LYS B 61 -3.15 -0.29 -1.18
N LEU B 62 -2.73 -0.76 -2.37
CA LEU B 62 -2.18 -2.08 -2.54
C LEU B 62 -1.02 -1.94 -3.51
N SER B 63 0.15 -2.41 -3.08
CA SER B 63 1.32 -2.45 -3.93
C SER B 63 2.00 -3.81 -3.80
N LEU B 64 2.20 -4.50 -4.93
CA LEU B 64 2.65 -5.88 -4.95
C LEU B 64 3.75 -6.07 -5.97
N CYS B 65 4.82 -6.76 -5.57
CA CYS B 65 5.83 -7.25 -6.49
C CYS B 65 5.45 -8.66 -6.93
N ILE B 66 5.69 -8.93 -8.20
CA ILE B 66 5.20 -10.14 -8.88
C ILE B 66 6.33 -10.74 -9.71
N ALA B 67 6.64 -12.01 -9.45
CA ALA B 67 7.60 -12.77 -10.24
C ALA B 67 7.04 -12.97 -11.63
N PRO B 68 7.73 -12.51 -12.70
CA PRO B 68 7.32 -12.85 -14.07
C PRO B 68 7.77 -14.27 -14.44
N GLY B 69 7.16 -14.85 -15.48
CA GLY B 69 7.58 -16.11 -16.05
C GLY B 69 8.82 -16.02 -16.93
N LYS B 70 9.11 -14.82 -17.42
CA LYS B 70 10.28 -14.57 -18.24
C LYS B 70 11.13 -13.46 -17.63
N ALA B 71 12.39 -13.39 -18.06
CA ALA B 71 13.34 -12.39 -17.63
C ALA B 71 12.88 -11.01 -18.07
N CYS B 72 13.16 -10.02 -17.23
CA CYS B 72 13.10 -8.63 -17.61
C CYS B 72 14.19 -8.38 -18.62
N SER B 73 13.90 -7.52 -19.61
CA SER B 73 14.91 -7.03 -20.53
C SER B 73 15.92 -6.21 -19.74
N PRO B 74 17.13 -5.94 -20.28
CA PRO B 74 18.09 -5.07 -19.60
C PRO B 74 17.55 -3.66 -19.28
N GLY B 75 16.83 -3.05 -20.22
CA GLY B 75 16.19 -1.77 -20.01
C GLY B 75 15.22 -1.77 -18.82
N ALA B 76 14.32 -2.75 -18.77
CA ALA B 76 13.37 -2.89 -17.67
C ALA B 76 14.07 -2.91 -16.31
N SER B 77 15.03 -3.81 -16.15
CA SER B 77 15.69 -3.99 -14.88
C SER B 77 16.38 -2.73 -14.40
N GLU B 78 17.09 -2.07 -15.30
CA GLU B 78 17.84 -0.86 -14.97
C GLU B 78 16.90 0.27 -14.46
N ILE B 79 15.83 0.52 -15.20
CA ILE B 79 14.89 1.60 -14.93
C ILE B 79 13.88 1.29 -13.79
N THR B 80 13.39 0.04 -13.71
CA THR B 80 12.43 -0.35 -12.67
C THR B 80 13.10 -0.81 -11.35
N GLY B 81 14.38 -1.16 -11.41
CA GLY B 81 15.09 -1.76 -10.28
C GLY B 81 14.64 -3.18 -9.92
N LEU B 82 13.84 -3.82 -10.78
CA LEU B 82 13.36 -5.18 -10.56
C LEU B 82 13.98 -6.13 -11.57
N SER B 83 14.25 -7.35 -11.13
CA SER B 83 14.57 -8.47 -12.03
C SER B 83 13.88 -9.76 -11.55
N LYS B 84 13.76 -10.70 -12.51
CA LYS B 84 13.21 -12.03 -12.26
C LYS B 84 14.00 -12.71 -11.16
N ALA B 85 15.33 -12.75 -11.29
CA ALA B 85 16.16 -13.46 -10.32
C ALA B 85 15.92 -12.91 -8.88
N GLU B 86 15.99 -11.59 -8.71
CA GLU B 86 15.80 -10.96 -7.39
C GLU B 86 14.37 -11.15 -6.82
N LEU B 87 13.37 -10.99 -7.68
CA LEU B 87 12.00 -11.25 -7.29
C LEU B 87 11.85 -12.67 -6.77
N GLU B 88 12.45 -13.65 -7.48
CA GLU B 88 12.35 -15.06 -7.09
C GLU B 88 13.08 -15.40 -5.81
N VAL B 89 14.29 -14.86 -5.64
CA VAL B 89 15.05 -15.14 -4.42
C VAL B 89 14.37 -14.52 -3.18
N GLN B 90 13.55 -13.47 -3.39
CA GLN B 90 12.69 -12.93 -2.35
C GLN B 90 11.28 -13.54 -2.34
N GLY B 91 11.16 -14.74 -2.91
CA GLY B 91 9.94 -15.53 -2.88
C GLY B 91 8.67 -14.92 -3.45
N ARG B 92 8.79 -14.00 -4.41
CA ARG B 92 7.58 -13.39 -5.03
C ARG B 92 6.87 -14.47 -5.87
N GLN B 93 5.55 -14.51 -5.79
CA GLN B 93 4.73 -15.42 -6.55
C GLN B 93 4.41 -14.82 -7.91
N ARG B 94 4.00 -15.69 -8.83
CA ARG B 94 3.54 -15.36 -10.20
C ARG B 94 2.21 -14.61 -10.11
N PHE B 95 1.77 -14.06 -11.23
CA PHE B 95 0.43 -13.51 -11.37
C PHE B 95 -0.48 -14.73 -11.45
N ASP B 96 -1.17 -15.07 -10.37
CA ASP B 96 -1.89 -16.33 -10.27
C ASP B 96 -3.34 -16.18 -9.74
N ASP B 97 -4.01 -17.31 -9.49
CA ASP B 97 -5.41 -17.32 -9.06
C ASP B 97 -5.55 -16.57 -7.72
N ASN B 98 -4.65 -16.85 -6.78
CA ASN B 98 -4.66 -16.16 -5.48
C ASN B 98 -4.53 -14.62 -5.61
N LEU B 99 -3.71 -14.17 -6.55
CA LEU B 99 -3.58 -12.74 -6.83
C LEU B 99 -4.93 -12.15 -7.27
N ALA B 100 -5.69 -12.89 -8.08
CA ALA B 100 -6.99 -12.40 -8.52
C ALA B 100 -7.96 -12.31 -7.37
N ILE B 101 -7.91 -13.29 -6.46
CA ILE B 101 -8.74 -13.30 -5.25
C ILE B 101 -8.41 -12.07 -4.39
N LEU B 102 -7.11 -11.80 -4.23
CA LEU B 102 -6.64 -10.60 -3.51
C LEU B 102 -7.21 -9.32 -4.16
N LEU B 103 -7.10 -9.24 -5.51
CA LEU B 103 -7.59 -8.06 -6.23
C LEU B 103 -9.09 -7.90 -6.06
N ARG B 104 -9.82 -9.01 -6.18
CA ARG B 104 -11.29 -9.07 -6.01
C ARG B 104 -11.67 -8.53 -4.63
N ALA B 105 -11.05 -9.04 -3.56
CA ALA B 105 -11.45 -8.64 -2.24
C ALA B 105 -11.11 -7.15 -1.99
N PHE B 106 -10.01 -6.67 -2.59
CA PHE B 106 -9.66 -5.25 -2.53
C PHE B 106 -10.73 -4.37 -3.21
N LEU B 107 -11.11 -4.73 -4.43
CA LEU B 107 -12.15 -4.03 -5.19
C LEU B 107 -13.51 -4.03 -4.46
N GLN B 108 -13.86 -5.18 -3.87
CA GLN B 108 -15.10 -5.31 -3.11
C GLN B 108 -15.23 -4.34 -1.91
N ARG B 109 -14.13 -3.80 -1.41
CA ARG B 109 -14.14 -2.81 -0.30
C ARG B 109 -14.47 -1.41 -0.84
N GLN B 110 -14.53 -1.22 -2.16
CA GLN B 110 -14.78 0.09 -2.75
C GLN B 110 -16.23 0.25 -3.21
N PRO B 111 -16.89 1.40 -2.91
CA PRO B 111 -18.22 1.67 -3.45
C PRO B 111 -18.19 1.67 -4.99
N GLN B 112 -19.26 1.14 -5.59
CA GLN B 112 -19.44 1.07 -7.03
C GLN B 112 -20.35 2.22 -7.47
N PRO B 113 -20.33 2.62 -8.76
CA PRO B 113 -19.35 2.14 -9.73
C PRO B 113 -17.91 2.63 -9.44
N CYS B 114 -16.95 1.85 -9.92
CA CYS B 114 -15.55 2.10 -9.70
C CYS B 114 -14.83 2.20 -11.04
N CYS B 115 -13.88 3.15 -11.14
CA CYS B 115 -13.13 3.39 -12.38
C CYS B 115 -11.63 3.38 -12.18
N LEU B 116 -10.95 2.48 -12.91
CA LEU B 116 -9.51 2.47 -12.98
C LEU B 116 -9.04 3.71 -13.77
N VAL B 117 -8.01 4.38 -13.26
CA VAL B 117 -7.36 5.49 -13.93
C VAL B 117 -5.88 5.13 -14.05
N ALA B 118 -5.41 5.02 -15.30
CA ALA B 118 -3.99 4.78 -15.60
C ALA B 118 -3.46 5.64 -16.75
N HIS B 119 -2.23 6.12 -16.58
CA HIS B 119 -1.53 6.92 -17.56
C HIS B 119 -1.08 6.01 -18.71
N ASN B 120 -1.54 6.34 -19.93
CA ASN B 120 -1.38 5.50 -21.11
C ASN B 120 -1.99 4.09 -20.94
N GLY B 121 -2.95 3.98 -20.01
CA GLY B 121 -3.64 2.74 -19.74
C GLY B 121 -4.30 2.08 -20.96
N ASP B 122 -4.75 2.89 -21.94
CA ASP B 122 -5.46 2.35 -23.07
C ASP B 122 -4.56 1.57 -24.01
N ARG B 123 -3.26 1.89 -23.99
CA ARG B 123 -2.24 1.31 -24.90
C ARG B 123 -1.35 0.30 -24.17
N TYR B 124 -1.17 0.39 -22.85
CA TYR B 124 -0.22 -0.50 -22.12
C TYR B 124 -0.92 -1.15 -20.92
N ASP B 125 -1.17 -0.42 -19.84
CA ASP B 125 -1.63 -1.02 -18.60
C ASP B 125 -2.90 -1.87 -18.75
N PHE B 126 -3.93 -1.30 -19.40
CA PHE B 126 -5.21 -2.00 -19.49
C PHE B 126 -5.11 -3.27 -20.36
N PRO B 127 -4.60 -3.22 -21.60
CA PRO B 127 -4.43 -4.44 -22.39
C PRO B 127 -3.53 -5.50 -21.72
N LEU B 128 -2.47 -5.08 -21.03
CA LEU B 128 -1.57 -6.02 -20.37
C LEU B 128 -2.28 -6.74 -19.20
N LEU B 129 -2.96 -5.97 -18.37
CA LEU B 129 -3.73 -6.51 -17.26
C LEU B 129 -4.80 -7.51 -17.72
N GLN B 130 -5.49 -7.16 -18.82
CA GLN B 130 -6.45 -8.05 -19.43
C GLN B 130 -5.82 -9.37 -19.83
N THR B 131 -4.66 -9.30 -20.51
CA THR B 131 -3.89 -10.47 -20.90
C THR B 131 -3.49 -11.32 -19.68
N GLU B 132 -2.95 -10.69 -18.64
CA GLU B 132 -2.57 -11.42 -17.43
C GLU B 132 -3.77 -12.13 -16.81
N LEU B 133 -4.91 -11.44 -16.70
CA LEU B 133 -6.12 -12.03 -16.09
C LEU B 133 -6.74 -13.16 -16.93
N ALA B 134 -6.68 -13.04 -18.26
CA ALA B 134 -7.30 -14.00 -19.14
C ALA B 134 -6.63 -15.39 -19.05
N ARG B 135 -5.40 -15.41 -18.57
CA ARG B 135 -4.54 -16.59 -18.37
C ARG B 135 -5.04 -17.43 -17.19
N LEU B 136 -5.78 -16.81 -16.26
CA LEU B 136 -6.18 -17.45 -15.03
C LEU B 136 -7.43 -18.31 -15.19
N SER B 137 -7.64 -19.23 -14.24
CA SER B 137 -8.83 -20.07 -14.21
C SER B 137 -10.00 -19.41 -13.46
N THR B 138 -9.71 -18.32 -12.75
CA THR B 138 -10.71 -17.59 -11.99
C THR B 138 -11.22 -16.49 -12.92
N PRO B 139 -12.54 -16.19 -12.95
CA PRO B 139 -13.06 -15.10 -13.76
C PRO B 139 -12.45 -13.74 -13.37
N SER B 140 -12.38 -12.81 -14.32
CA SER B 140 -11.78 -11.54 -14.08
C SER B 140 -12.42 -10.78 -12.93
N PRO B 141 -11.63 -10.34 -11.94
CA PRO B 141 -12.13 -9.46 -10.89
C PRO B 141 -12.52 -8.05 -11.40
N LEU B 142 -12.13 -7.69 -12.62
CA LEU B 142 -12.37 -6.36 -13.18
C LEU B 142 -13.58 -6.27 -14.09
N ASP B 143 -14.40 -7.32 -14.10
CA ASP B 143 -15.50 -7.47 -15.04
C ASP B 143 -16.60 -6.40 -14.93
N GLY B 144 -16.91 -5.98 -13.70
CA GLY B 144 -17.86 -4.89 -13.46
C GLY B 144 -17.21 -3.53 -13.20
N THR B 145 -15.91 -3.42 -13.47
CA THR B 145 -15.15 -2.22 -13.20
C THR B 145 -15.00 -1.43 -14.49
N PHE B 146 -14.95 -0.10 -14.37
CA PHE B 146 -14.76 0.80 -15.50
C PHE B 146 -13.31 1.30 -15.55
N CYS B 147 -12.93 1.96 -16.64
CA CYS B 147 -11.55 2.40 -16.83
C CYS B 147 -11.41 3.60 -17.77
N VAL B 148 -10.35 4.38 -17.57
CA VAL B 148 -10.05 5.57 -18.37
C VAL B 148 -8.54 5.85 -18.37
N ASP B 149 -8.09 6.49 -19.45
CA ASP B 149 -6.69 6.85 -19.65
C ASP B 149 -6.51 8.31 -19.27
N SER B 150 -5.58 8.60 -18.36
CA SER B 150 -5.35 9.94 -17.86
C SER B 150 -4.59 10.85 -18.85
N ILE B 151 -4.02 10.29 -19.91
CA ILE B 151 -3.36 11.11 -20.93
C ILE B 151 -4.41 12.00 -21.58
N ALA B 152 -5.51 11.40 -22.06
CA ALA B 152 -6.57 12.17 -22.74
C ALA B 152 -7.18 13.22 -21.80
N ALA B 153 -7.42 12.80 -20.55
CA ALA B 153 -7.96 13.68 -19.51
C ALA B 153 -7.10 14.95 -19.34
N LEU B 154 -5.79 14.75 -19.13
CA LEU B 154 -4.86 15.87 -18.91
C LEU B 154 -4.65 16.72 -20.16
N LYS B 155 -4.73 16.11 -21.35
CA LYS B 155 -4.73 16.84 -22.62
C LYS B 155 -5.88 17.84 -22.63
N ALA B 156 -7.09 17.36 -22.33
CA ALA B 156 -8.27 18.21 -22.27
C ALA B 156 -8.09 19.31 -21.24
N LEU B 157 -7.77 18.91 -20.00
CA LEU B 157 -7.68 19.86 -18.90
C LEU B 157 -6.65 20.97 -19.14
N GLU B 158 -5.47 20.59 -19.66
CA GLU B 158 -4.37 21.52 -19.86
C GLU B 158 -4.59 22.41 -21.08
N GLN B 159 -5.23 21.84 -22.10
CA GLN B 159 -5.68 22.59 -23.27
C GLN B 159 -6.50 23.80 -22.84
N ALA B 160 -7.44 23.56 -21.90
CA ALA B 160 -8.39 24.57 -21.46
C ALA B 160 -7.82 25.62 -20.49
N SER B 161 -6.49 25.74 -20.40
CA SER B 161 -5.82 26.44 -19.28
C SER B 161 -4.74 27.43 -19.73
N ARG B 169 5.14 21.72 -29.08
CA ARG B 169 4.06 20.74 -28.72
C ARG B 169 4.50 19.97 -27.46
N LYS B 170 3.56 19.77 -26.53
CA LYS B 170 3.89 19.29 -25.19
C LYS B 170 4.06 17.77 -25.11
N SER B 171 5.02 17.32 -24.30
CA SER B 171 5.14 15.91 -23.90
C SER B 171 4.04 15.55 -22.89
N TYR B 172 3.39 14.40 -23.09
CA TYR B 172 2.37 13.86 -22.15
C TYR B 172 2.92 12.61 -21.44
N SER B 173 4.25 12.52 -21.32
CA SER B 173 4.86 11.57 -20.38
C SER B 173 4.41 12.00 -19.00
N LEU B 174 4.28 11.04 -18.10
CA LEU B 174 3.81 11.29 -16.75
C LEU B 174 4.62 12.40 -16.06
N GLY B 175 5.96 12.31 -16.13
CA GLY B 175 6.87 13.24 -15.49
C GLY B 175 6.85 14.64 -16.07
N SER B 176 6.67 14.74 -17.39
CA SER B 176 6.60 16.04 -18.08
C SER B 176 5.33 16.80 -17.68
N ILE B 177 4.21 16.08 -17.55
CA ILE B 177 2.96 16.70 -17.12
C ILE B 177 3.14 17.24 -15.70
N TYR B 178 3.61 16.37 -14.79
CA TYR B 178 3.82 16.68 -13.36
C TYR B 178 4.69 17.93 -13.23
N THR B 179 5.82 17.97 -13.94
CA THR B 179 6.78 19.08 -13.91
C THR B 179 6.18 20.38 -14.43
N ARG B 180 5.39 20.28 -15.51
CA ARG B 180 4.67 21.44 -16.11
C ARG B 180 3.72 22.02 -15.06
N LEU B 181 2.93 21.16 -14.40
CA LEU B 181 1.98 21.62 -13.41
C LEU B 181 2.63 22.18 -12.15
N TYR B 182 3.68 21.51 -11.63
CA TYR B 182 4.21 21.76 -10.27
C TYR B 182 5.67 22.25 -10.26
N TRP B 183 6.32 22.35 -11.42
CA TRP B 183 7.70 22.86 -11.51
C TRP B 183 8.60 22.15 -10.51
N GLN B 184 8.53 20.82 -10.53
CA GLN B 184 9.27 19.99 -9.62
C GLN B 184 9.43 18.67 -10.34
N ALA B 185 10.58 17.99 -10.17
CA ALA B 185 10.73 16.60 -10.64
C ALA B 185 9.89 15.66 -9.80
N PRO B 186 9.23 14.63 -10.40
CA PRO B 186 8.53 13.62 -9.63
C PRO B 186 9.53 12.78 -8.82
N THR B 187 9.06 12.11 -7.76
CA THR B 187 9.89 11.17 -7.02
C THR B 187 9.55 9.71 -7.46
N ASP B 188 10.54 8.81 -7.26
CA ASP B 188 10.40 7.35 -7.44
C ASP B 188 9.80 6.92 -8.76
N SER B 189 10.25 7.55 -9.85
CA SER B 189 9.80 7.23 -11.19
C SER B 189 10.08 5.78 -11.52
N HIS B 190 9.19 5.17 -12.31
CA HIS B 190 9.29 3.78 -12.70
C HIS B 190 9.32 2.79 -11.51
N THR B 191 8.65 3.16 -10.41
CA THR B 191 8.13 2.21 -9.43
C THR B 191 6.62 2.30 -9.56
N ALA B 192 5.90 1.19 -9.33
CA ALA B 192 4.47 1.20 -9.49
C ALA B 192 3.84 2.23 -8.55
N GLU B 193 4.21 2.18 -7.27
CA GLU B 193 3.65 3.06 -6.28
C GLU B 193 4.08 4.51 -6.51
N GLY B 194 5.36 4.73 -6.83
CA GLY B 194 5.86 6.07 -7.13
C GLY B 194 5.04 6.73 -8.27
N ASP B 195 4.78 5.98 -9.33
CA ASP B 195 4.11 6.49 -10.52
C ASP B 195 2.62 6.72 -10.22
N VAL B 196 2.00 5.85 -9.39
CA VAL B 196 0.64 6.06 -8.92
C VAL B 196 0.52 7.35 -8.13
N LEU B 197 1.50 7.64 -7.28
CA LEU B 197 1.45 8.86 -6.46
C LEU B 197 1.60 10.11 -7.31
N THR B 198 2.47 10.03 -8.32
CA THR B 198 2.65 11.11 -9.26
C THR B 198 1.32 11.37 -9.99
N LEU B 199 0.69 10.29 -10.47
CA LEU B 199 -0.58 10.36 -11.17
C LEU B 199 -1.69 10.95 -10.30
N LEU B 200 -1.76 10.50 -9.04
CA LEU B 200 -2.70 11.10 -8.08
C LEU B 200 -2.53 12.63 -8.04
N SER B 201 -1.28 13.08 -7.88
CA SER B 201 -0.97 14.49 -7.79
C SER B 201 -1.43 15.30 -9.02
N ILE B 202 -1.21 14.74 -10.22
CA ILE B 202 -1.63 15.44 -11.43
C ILE B 202 -3.16 15.43 -11.58
N CYS B 203 -3.81 14.37 -11.10
CA CYS B 203 -5.27 14.28 -11.15
C CYS B 203 -5.94 15.17 -10.13
N GLN B 204 -5.20 15.56 -9.09
CA GLN B 204 -5.69 16.48 -8.06
C GLN B 204 -5.52 17.95 -8.48
N TRP B 205 -4.90 18.18 -9.64
CA TRP B 205 -4.70 19.53 -10.15
C TRP B 205 -6.01 20.30 -10.28
N LYS B 206 -6.97 19.71 -11.01
CA LYS B 206 -8.33 20.27 -11.22
C LYS B 206 -9.33 19.15 -10.91
N PRO B 207 -9.62 18.90 -9.61
CA PRO B 207 -10.30 17.66 -9.20
C PRO B 207 -11.69 17.51 -9.84
N GLN B 208 -12.48 18.59 -9.80
CA GLN B 208 -13.82 18.64 -10.35
C GLN B 208 -13.83 18.29 -11.85
N ALA B 209 -12.98 18.96 -12.62
CA ALA B 209 -12.89 18.77 -14.07
C ALA B 209 -12.40 17.37 -14.38
N LEU B 210 -11.46 16.87 -13.56
CA LEU B 210 -10.92 15.53 -13.76
C LEU B 210 -12.04 14.50 -13.57
N LEU B 211 -12.81 14.64 -12.48
CA LEU B 211 -13.93 13.75 -12.17
C LEU B 211 -14.98 13.73 -13.29
N GLN B 212 -15.31 14.92 -13.79
CA GLN B 212 -16.30 15.06 -14.85
C GLN B 212 -15.82 14.36 -16.12
N TRP B 213 -14.56 14.60 -16.52
CA TRP B 213 -13.96 13.89 -17.64
C TRP B 213 -14.07 12.36 -17.43
N VAL B 214 -13.67 11.90 -16.24
CA VAL B 214 -13.75 10.47 -15.92
C VAL B 214 -15.17 9.91 -16.05
N ASP B 215 -16.15 10.64 -15.48
CA ASP B 215 -17.57 10.28 -15.61
C ASP B 215 -18.04 10.17 -17.06
N GLU B 216 -17.52 11.05 -17.92
CA GLU B 216 -17.92 11.11 -19.34
C GLU B 216 -17.27 10.05 -20.20
N HIS B 217 -16.08 9.60 -19.81
CA HIS B 217 -15.28 8.70 -20.65
C HIS B 217 -15.13 7.29 -20.11
N ALA B 218 -15.58 7.04 -18.87
CA ALA B 218 -15.47 5.73 -18.25
C ALA B 218 -16.11 4.70 -19.18
N ARG B 219 -15.34 3.64 -19.49
CA ARG B 219 -15.79 2.51 -20.33
C ARG B 219 -15.54 1.21 -19.57
N PRO B 220 -16.32 0.13 -19.86
CA PRO B 220 -16.19 -1.12 -19.13
C PRO B 220 -14.79 -1.69 -19.39
N PHE B 221 -14.14 -2.18 -18.34
CA PHE B 221 -12.83 -2.80 -18.52
C PHE B 221 -12.95 -4.07 -19.36
N SER B 222 -14.12 -4.71 -19.34
CA SER B 222 -14.40 -5.91 -20.11
C SER B 222 -14.29 -5.73 -21.63
N THR B 223 -14.30 -4.47 -22.09
CA THR B 223 -14.18 -4.13 -23.51
C THR B 223 -12.74 -3.83 -23.94
N VAL B 224 -11.81 -3.85 -22.99
CA VAL B 224 -10.40 -3.66 -23.30
C VAL B 224 -9.90 -4.93 -23.96
N LYS B 225 -9.28 -4.79 -25.12
CA LYS B 225 -8.69 -5.93 -25.83
C LYS B 225 -7.36 -6.34 -25.21
N PRO B 226 -7.07 -7.66 -25.07
CA PRO B 226 -5.79 -8.10 -24.51
C PRO B 226 -4.60 -7.61 -25.35
N MET B 227 -3.47 -7.26 -24.70
CA MET B 227 -2.27 -6.87 -25.42
C MET B 227 -1.90 -7.96 -26.41
N TYR B 228 -1.89 -9.22 -25.93
CA TYR B 228 -1.54 -10.43 -26.71
C TYR B 228 -2.35 -11.63 -26.17
N GLY B 229 -2.39 -12.73 -26.93
CA GLY B 229 -3.26 -13.86 -26.68
C GLY B 229 -2.52 -15.15 -26.37
#